data_2BXI
#
_entry.id   2BXI
#
_cell.length_a   189.740
_cell.length_b   38.800
_cell.length_c   95.250
_cell.angle_alpha   90.00
_cell.angle_beta   105.33
_cell.angle_gamma   90.00
#
_symmetry.space_group_name_H-M   'C 1 2 1'
#
loop_
_entity.id
_entity.type
_entity.pdbx_description
1 polymer 'SERUM ALBUMIN'
2 non-polymer 'MYRISTIC ACID'
3 non-polymer AZAPROPAZONE
4 water water
#
_entity_poly.entity_id   1
_entity_poly.type   'polypeptide(L)'
_entity_poly.pdbx_seq_one_letter_code
;DAHKSEVAHRFKDLGEENFKALVLIAFAQYLQQCPFEDHVKLVNEVTEFAKTCVADESAENCDKSLHTLFGDKLCTVATL
RETYGEMADCCAKQEPERNECFLQHKDDNPNLPRLVRPEVDVMCTAFHDNEETFLKKYLYEIARRHPYFYAPELLFFAKR
YKAAFTECCQAADKAACLLPKLDELRDEGKASSAKQRLKCASLQKFGERAFKAWAVARLSQRFPKAEFAEVSKLVTDLTK
VHTECCHGDLLECADDRADLAKYICENQDSISSKLKECCEKPLLEKSHCIAEVENDEMPADLPSLAADFVESKDVCKNYA
EAKDVFLGMFLYEYARRHPDYSVVLLLRLAKTYETTLEKCCAAADPHECYAKVFDEFKPLVEEPQNLIKQNCELFEQLGE
YKFQNALLVRYTKKVPQVSTPTLVEVSRNLGKVGSKCCKHPEAKRMPCAEDYLSVVLNQLCVLHEKTPVSDRVTKCCTES
LVNRRPCFSALEVDETYVPKEFNAETFTFHADICTLSEKEEQIKKQTALVELVKHKPKATKEQLKAVMDDFAAFVEKCCK
ADDKETCFAEEGKKLVAASQAALGL
;
_entity_poly.pdbx_strand_id   A
#
loop_
_chem_comp.id
_chem_comp.type
_chem_comp.name
_chem_comp.formula
AZQ non-polymer AZAPROPAZONE 'C16 H20 N4 O2'
MYR non-polymer 'MYRISTIC ACID' 'C14 H28 O2'
#
# COMPACT_ATOMS: atom_id res chain seq x y z
N HIS A 3 -25.27 -12.43 22.97
CA HIS A 3 -26.11 -13.26 23.89
C HIS A 3 -26.37 -14.66 23.33
N LYS A 4 -27.64 -15.04 23.28
CA LYS A 4 -28.05 -16.34 22.78
C LYS A 4 -28.03 -16.43 21.25
N SER A 5 -28.25 -15.30 20.57
CA SER A 5 -28.26 -15.30 19.11
C SER A 5 -27.24 -14.35 18.53
N GLU A 6 -26.22 -14.94 17.91
CA GLU A 6 -25.14 -14.20 17.31
C GLU A 6 -25.58 -13.24 16.21
N VAL A 7 -26.43 -13.70 15.29
CA VAL A 7 -26.87 -12.85 14.20
C VAL A 7 -27.59 -11.58 14.65
N ALA A 8 -28.53 -11.75 15.58
CA ALA A 8 -29.30 -10.61 16.07
C ALA A 8 -28.40 -9.58 16.74
N HIS A 9 -27.38 -10.09 17.44
CA HIS A 9 -26.43 -9.25 18.15
C HIS A 9 -25.72 -8.34 17.14
N ARG A 10 -25.13 -8.95 16.13
CA ARG A 10 -24.41 -8.21 15.08
C ARG A 10 -25.34 -7.25 14.38
N PHE A 11 -26.55 -7.72 14.10
CA PHE A 11 -27.53 -6.88 13.43
C PHE A 11 -27.80 -5.61 14.23
N LYS A 12 -28.04 -5.76 15.53
CA LYS A 12 -28.30 -4.61 16.41
C LYS A 12 -27.07 -3.70 16.52
N ASP A 13 -25.90 -4.31 16.66
CA ASP A 13 -24.66 -3.55 16.76
C ASP A 13 -24.43 -2.76 15.48
N LEU A 14 -24.44 -3.48 14.36
CA LEU A 14 -24.17 -2.88 13.06
C LEU A 14 -25.18 -1.92 12.49
N GLY A 15 -26.46 -2.26 12.60
CA GLY A 15 -27.50 -1.44 12.00
C GLY A 15 -27.82 -2.11 10.67
N GLU A 16 -29.06 -1.99 10.24
CA GLU A 16 -29.49 -2.63 8.99
C GLU A 16 -28.62 -2.30 7.80
N GLU A 17 -28.37 -1.01 7.58
CA GLU A 17 -27.56 -0.59 6.45
C GLU A 17 -26.18 -1.22 6.37
N ASN A 18 -25.42 -1.19 7.45
CA ASN A 18 -24.08 -1.76 7.42
C ASN A 18 -24.13 -3.27 7.32
N PHE A 19 -25.07 -3.87 8.03
CA PHE A 19 -25.23 -5.31 7.99
C PHE A 19 -25.40 -5.81 6.56
N LYS A 20 -26.29 -5.18 5.83
CA LYS A 20 -26.54 -5.57 4.45
C LYS A 20 -25.30 -5.36 3.58
N ALA A 21 -24.62 -4.24 3.79
CA ALA A 21 -23.40 -3.93 3.04
C ALA A 21 -22.37 -5.02 3.30
N LEU A 22 -22.16 -5.33 4.56
CA LEU A 22 -21.19 -6.35 4.95
C LEU A 22 -21.54 -7.75 4.45
N VAL A 23 -22.81 -8.12 4.51
CA VAL A 23 -23.17 -9.46 4.05
C VAL A 23 -22.93 -9.53 2.54
N LEU A 24 -23.17 -8.42 1.86
CA LEU A 24 -22.94 -8.39 0.43
C LEU A 24 -21.45 -8.59 0.12
N ILE A 25 -20.58 -7.84 0.82
CA ILE A 25 -19.15 -7.95 0.61
C ILE A 25 -18.71 -9.36 0.91
N ALA A 26 -19.19 -9.89 2.01
CA ALA A 26 -18.82 -11.24 2.43
C ALA A 26 -19.08 -12.26 1.34
N PHE A 27 -20.33 -12.34 0.88
CA PHE A 27 -20.67 -13.29 -0.17
C PHE A 27 -19.91 -13.05 -1.47
N ALA A 28 -19.74 -11.79 -1.86
CA ALA A 28 -19.03 -11.49 -3.09
C ALA A 28 -17.57 -11.96 -3.02
N GLN A 29 -16.97 -11.90 -1.84
CA GLN A 29 -15.59 -12.32 -1.68
C GLN A 29 -15.38 -13.81 -1.89
N TYR A 30 -16.41 -14.60 -1.56
CA TYR A 30 -16.32 -16.04 -1.78
C TYR A 30 -16.91 -16.40 -3.15
N LEU A 31 -18.19 -16.13 -3.37
CA LEU A 31 -18.84 -16.42 -4.65
C LEU A 31 -18.52 -15.33 -5.65
N GLN A 32 -17.23 -15.19 -5.94
CA GLN A 32 -16.70 -14.18 -6.84
C GLN A 32 -17.24 -14.26 -8.27
N GLN A 33 -17.75 -15.44 -8.63
CA GLN A 33 -18.28 -15.69 -9.96
C GLN A 33 -19.78 -15.45 -10.18
N CYS A 34 -20.58 -15.59 -9.12
CA CYS A 34 -22.02 -15.40 -9.27
C CYS A 34 -22.38 -13.96 -9.65
N PRO A 35 -23.44 -13.79 -10.44
CA PRO A 35 -23.88 -12.46 -10.86
C PRO A 35 -24.43 -11.62 -9.70
N PHE A 36 -24.52 -10.31 -9.94
CA PHE A 36 -25.01 -9.38 -8.94
C PHE A 36 -26.40 -9.71 -8.41
N GLU A 37 -27.35 -9.89 -9.32
CA GLU A 37 -28.73 -10.19 -8.95
C GLU A 37 -28.81 -11.31 -7.92
N ASP A 38 -28.01 -12.36 -8.12
CA ASP A 38 -27.99 -13.50 -7.21
C ASP A 38 -27.53 -13.09 -5.81
N HIS A 39 -26.53 -12.22 -5.74
CA HIS A 39 -26.01 -11.79 -4.44
C HIS A 39 -27.04 -10.95 -3.67
N VAL A 40 -27.78 -10.10 -4.38
CA VAL A 40 -28.78 -9.27 -3.76
C VAL A 40 -29.83 -10.13 -3.07
N LYS A 41 -30.19 -11.24 -3.71
CA LYS A 41 -31.20 -12.14 -3.15
C LYS A 41 -30.72 -12.75 -1.84
N LEU A 42 -29.49 -13.25 -1.84
CA LEU A 42 -28.93 -13.84 -0.63
C LEU A 42 -28.95 -12.82 0.49
N VAL A 43 -28.53 -11.60 0.18
CA VAL A 43 -28.50 -10.55 1.19
C VAL A 43 -29.88 -10.33 1.79
N ASN A 44 -30.90 -10.26 0.94
CA ASN A 44 -32.28 -10.07 1.41
C ASN A 44 -32.67 -11.23 2.31
N GLU A 45 -32.41 -12.44 1.86
CA GLU A 45 -32.77 -13.61 2.64
C GLU A 45 -32.09 -13.60 4.00
N VAL A 46 -30.81 -13.24 4.03
CA VAL A 46 -30.08 -13.23 5.28
C VAL A 46 -30.59 -12.11 6.18
N THR A 47 -30.88 -10.96 5.59
CA THR A 47 -31.40 -9.83 6.35
C THR A 47 -32.74 -10.23 6.99
N GLU A 48 -33.58 -10.91 6.22
CA GLU A 48 -34.87 -11.37 6.71
C GLU A 48 -34.67 -12.26 7.90
N PHE A 49 -33.82 -13.25 7.74
CA PHE A 49 -33.51 -14.17 8.79
C PHE A 49 -33.08 -13.35 10.00
N ALA A 50 -32.17 -12.40 9.77
CA ALA A 50 -31.67 -11.59 10.86
C ALA A 50 -32.81 -10.90 11.64
N LYS A 51 -33.75 -10.27 10.94
CA LYS A 51 -34.85 -9.59 11.61
C LYS A 51 -35.67 -10.54 12.45
N THR A 52 -35.82 -11.76 11.94
CA THR A 52 -36.55 -12.79 12.68
C THR A 52 -35.89 -13.03 14.03
N CYS A 53 -34.57 -13.20 14.02
CA CYS A 53 -33.83 -13.44 15.26
C CYS A 53 -33.81 -12.25 16.20
N VAL A 54 -33.88 -11.04 15.65
CA VAL A 54 -33.91 -9.87 16.49
C VAL A 54 -35.27 -9.89 17.17
N ALA A 55 -36.32 -10.20 16.42
CA ALA A 55 -37.67 -10.23 16.97
C ALA A 55 -37.84 -11.23 18.10
N ASP A 56 -37.39 -12.46 17.86
CA ASP A 56 -37.46 -13.54 18.83
C ASP A 56 -36.13 -14.29 18.80
N GLU A 57 -35.26 -13.97 19.76
CA GLU A 57 -33.94 -14.58 19.86
C GLU A 57 -33.95 -16.11 19.98
N SER A 58 -35.14 -16.70 20.16
CA SER A 58 -35.23 -18.14 20.30
C SER A 58 -35.80 -18.81 19.05
N ALA A 59 -36.11 -18.03 18.02
CA ALA A 59 -36.63 -18.57 16.76
C ALA A 59 -35.59 -19.50 16.14
N GLU A 60 -36.06 -20.49 15.38
CA GLU A 60 -35.18 -21.48 14.78
C GLU A 60 -33.90 -21.00 14.14
N ASN A 61 -32.84 -21.77 14.37
CA ASN A 61 -31.51 -21.50 13.83
C ASN A 61 -30.83 -20.25 14.37
N CYS A 62 -31.62 -19.34 14.96
CA CYS A 62 -31.06 -18.11 15.51
C CYS A 62 -29.95 -18.40 16.50
N ASP A 63 -29.89 -19.62 17.01
CA ASP A 63 -28.86 -19.97 17.97
C ASP A 63 -27.59 -20.47 17.28
N LYS A 64 -27.67 -20.78 15.99
CA LYS A 64 -26.50 -21.26 15.28
C LYS A 64 -25.46 -20.15 15.14
N SER A 65 -24.20 -20.54 15.06
CA SER A 65 -23.10 -19.60 14.93
C SER A 65 -23.05 -19.00 13.54
N LEU A 66 -22.37 -17.87 13.42
CA LEU A 66 -22.23 -17.19 12.15
C LEU A 66 -21.56 -18.04 11.09
N HIS A 67 -20.47 -18.71 11.46
CA HIS A 67 -19.77 -19.56 10.49
C HIS A 67 -20.71 -20.63 9.97
N THR A 68 -21.41 -21.29 10.87
CA THR A 68 -22.33 -22.33 10.49
C THR A 68 -23.41 -21.78 9.56
N LEU A 69 -24.04 -20.68 9.98
CA LEU A 69 -25.10 -20.09 9.17
C LEU A 69 -24.58 -19.70 7.80
N PHE A 70 -23.46 -19.01 7.79
CA PHE A 70 -22.83 -18.57 6.55
C PHE A 70 -22.51 -19.73 5.63
N GLY A 71 -21.95 -20.79 6.21
CA GLY A 71 -21.62 -21.95 5.41
C GLY A 71 -22.85 -22.65 4.84
N ASP A 72 -23.90 -22.75 5.63
CA ASP A 72 -25.12 -23.41 5.17
C ASP A 72 -25.69 -22.68 3.95
N LYS A 73 -25.79 -21.36 4.02
CA LYS A 73 -26.36 -20.62 2.91
C LYS A 73 -25.49 -20.78 1.69
N LEU A 74 -24.18 -20.70 1.89
CA LEU A 74 -23.20 -20.82 0.81
C LEU A 74 -23.40 -22.14 0.08
N CYS A 75 -23.57 -23.21 0.85
CA CYS A 75 -23.76 -24.53 0.31
C CYS A 75 -25.15 -24.73 -0.30
N THR A 76 -25.84 -23.62 -0.51
CA THR A 76 -27.18 -23.62 -1.06
C THR A 76 -27.17 -23.38 -2.56
N VAL A 77 -26.17 -22.64 -3.02
CA VAL A 77 -26.01 -22.36 -4.44
C VAL A 77 -25.97 -23.67 -5.21
N ALA A 78 -26.97 -23.88 -6.07
CA ALA A 78 -27.08 -25.10 -6.85
C ALA A 78 -25.95 -25.23 -7.86
N THR A 79 -25.54 -24.10 -8.41
CA THR A 79 -24.48 -24.07 -9.40
C THR A 79 -23.11 -24.19 -8.75
N LEU A 80 -23.11 -24.32 -7.42
CA LEU A 80 -21.88 -24.42 -6.66
C LEU A 80 -20.85 -25.30 -7.37
N ARG A 81 -21.15 -26.59 -7.47
CA ARG A 81 -20.27 -27.54 -8.13
C ARG A 81 -20.00 -27.23 -9.61
N GLU A 82 -21.02 -26.81 -10.34
CA GLU A 82 -20.83 -26.51 -11.76
C GLU A 82 -20.01 -25.24 -11.99
N THR A 83 -20.03 -24.32 -11.03
CA THR A 83 -19.31 -23.06 -11.16
C THR A 83 -17.97 -23.00 -10.46
N TYR A 84 -17.83 -23.72 -9.35
CA TYR A 84 -16.59 -23.71 -8.59
C TYR A 84 -16.04 -25.12 -8.37
N GLY A 85 -16.82 -26.11 -8.77
CA GLY A 85 -16.42 -27.49 -8.62
C GLY A 85 -15.82 -27.79 -7.26
N GLU A 86 -14.50 -27.97 -7.25
CA GLU A 86 -13.73 -28.26 -6.04
C GLU A 86 -14.35 -27.69 -4.76
N MET A 87 -14.74 -26.42 -4.81
CA MET A 87 -15.32 -25.76 -3.64
C MET A 87 -16.58 -26.43 -3.08
N ALA A 88 -17.45 -26.91 -3.98
CA ALA A 88 -18.68 -27.58 -3.55
C ALA A 88 -18.34 -28.76 -2.64
N ASP A 89 -17.20 -29.41 -2.87
CA ASP A 89 -16.78 -30.53 -2.03
C ASP A 89 -16.69 -30.10 -0.56
N CYS A 90 -16.52 -28.80 -0.33
CA CYS A 90 -16.42 -28.28 1.03
C CYS A 90 -17.72 -28.50 1.82
N CYS A 91 -18.84 -28.45 1.11
CA CYS A 91 -20.16 -28.64 1.72
C CYS A 91 -20.34 -30.01 2.38
N ALA A 92 -19.52 -30.98 2.00
CA ALA A 92 -19.62 -32.30 2.59
C ALA A 92 -18.87 -32.33 3.93
N LYS A 93 -17.93 -31.40 4.12
CA LYS A 93 -17.15 -31.34 5.34
C LYS A 93 -17.98 -30.70 6.45
N GLN A 94 -17.46 -30.73 7.67
CA GLN A 94 -18.15 -30.13 8.81
C GLN A 94 -17.34 -28.95 9.32
N GLU A 95 -18.03 -28.07 10.02
CA GLU A 95 -17.38 -26.92 10.60
C GLU A 95 -16.46 -27.50 11.67
N PRO A 96 -15.26 -26.92 11.85
CA PRO A 96 -14.68 -25.77 11.15
C PRO A 96 -13.92 -26.12 9.87
N GLU A 97 -13.94 -27.37 9.46
CA GLU A 97 -13.22 -27.75 8.25
C GLU A 97 -13.93 -27.19 7.05
N ARG A 98 -15.24 -27.00 7.17
CA ARG A 98 -15.98 -26.46 6.06
C ARG A 98 -15.48 -25.04 5.79
N ASN A 99 -15.44 -24.22 6.83
CA ASN A 99 -14.99 -22.85 6.68
C ASN A 99 -13.55 -22.86 6.17
N GLU A 100 -12.70 -23.64 6.83
CA GLU A 100 -11.30 -23.75 6.45
C GLU A 100 -11.16 -24.13 4.97
N CYS A 101 -11.97 -25.10 4.56
CA CYS A 101 -11.99 -25.57 3.18
C CYS A 101 -12.40 -24.43 2.26
N PHE A 102 -13.24 -23.52 2.75
CA PHE A 102 -13.65 -22.39 1.94
C PHE A 102 -12.53 -21.38 1.74
N LEU A 103 -11.80 -21.05 2.80
CA LEU A 103 -10.70 -20.08 2.66
C LEU A 103 -9.70 -20.63 1.66
N GLN A 104 -9.42 -21.93 1.74
CA GLN A 104 -8.46 -22.53 0.83
C GLN A 104 -8.84 -22.38 -0.65
N HIS A 105 -10.09 -22.06 -0.93
CA HIS A 105 -10.49 -21.94 -2.33
C HIS A 105 -10.93 -20.56 -2.77
N LYS A 106 -10.56 -19.56 -1.99
CA LYS A 106 -10.88 -18.18 -2.30
C LYS A 106 -9.76 -17.67 -3.21
N ASP A 107 -10.06 -17.54 -4.49
CA ASP A 107 -9.06 -17.08 -5.45
C ASP A 107 -8.60 -15.63 -5.29
N ASP A 108 -7.39 -15.46 -4.79
CA ASP A 108 -6.81 -14.14 -4.56
C ASP A 108 -6.74 -13.23 -5.79
N ASN A 109 -6.88 -13.81 -6.98
CA ASN A 109 -6.84 -13.00 -8.19
C ASN A 109 -7.52 -13.68 -9.37
N PRO A 110 -8.86 -13.55 -9.46
CA PRO A 110 -9.68 -14.14 -10.53
C PRO A 110 -9.43 -13.48 -11.88
N ASN A 111 -9.90 -14.14 -12.94
CA ASN A 111 -9.72 -13.63 -14.29
C ASN A 111 -10.86 -12.73 -14.71
N LEU A 112 -11.26 -11.83 -13.83
CA LEU A 112 -12.33 -10.91 -14.12
C LEU A 112 -11.85 -9.78 -15.00
N PRO A 113 -12.74 -9.24 -15.86
CA PRO A 113 -12.42 -8.14 -16.77
C PRO A 113 -12.17 -6.86 -15.99
N ARG A 114 -11.32 -5.99 -16.52
CA ARG A 114 -11.04 -4.74 -15.83
C ARG A 114 -12.35 -3.96 -15.73
N LEU A 115 -12.49 -3.21 -14.65
CA LEU A 115 -13.67 -2.40 -14.43
C LEU A 115 -13.46 -1.11 -15.23
N VAL A 116 -14.38 -0.81 -16.13
CA VAL A 116 -14.26 0.39 -16.92
C VAL A 116 -15.11 1.51 -16.34
N ARG A 117 -14.51 2.68 -16.18
CA ARG A 117 -15.21 3.84 -15.66
C ARG A 117 -16.08 4.39 -16.79
N PRO A 118 -17.40 4.48 -16.58
CA PRO A 118 -18.31 5.00 -17.60
C PRO A 118 -18.23 6.52 -17.74
N GLU A 119 -19.00 7.07 -18.66
CA GLU A 119 -19.02 8.53 -18.85
C GLU A 119 -19.73 9.12 -17.63
N VAL A 120 -19.17 10.21 -17.13
CA VAL A 120 -19.68 10.91 -15.97
C VAL A 120 -21.17 11.10 -15.93
N ASP A 121 -21.75 11.41 -17.08
CA ASP A 121 -23.18 11.63 -17.15
C ASP A 121 -23.96 10.37 -16.92
N VAL A 122 -23.49 9.25 -17.46
CA VAL A 122 -24.22 8.02 -17.24
C VAL A 122 -24.07 7.61 -15.78
N MET A 123 -22.89 7.82 -15.20
CA MET A 123 -22.70 7.47 -13.79
C MET A 123 -23.66 8.27 -12.90
N CYS A 124 -23.62 9.58 -13.06
CA CYS A 124 -24.50 10.47 -12.31
C CYS A 124 -25.97 10.12 -12.49
N THR A 125 -26.36 9.85 -13.72
CA THR A 125 -27.75 9.51 -13.99
C THR A 125 -28.15 8.23 -13.28
N ALA A 126 -27.29 7.22 -13.38
CA ALA A 126 -27.57 5.92 -12.74
C ALA A 126 -27.64 6.13 -11.24
N PHE A 127 -26.76 6.98 -10.76
CA PHE A 127 -26.67 7.28 -9.34
C PHE A 127 -27.97 7.90 -8.87
N HIS A 128 -28.41 8.94 -9.56
CA HIS A 128 -29.64 9.63 -9.20
C HIS A 128 -30.89 8.73 -9.36
N ASP A 129 -30.91 7.89 -10.38
CA ASP A 129 -32.05 7.02 -10.61
C ASP A 129 -32.19 5.84 -9.68
N ASN A 130 -31.07 5.30 -9.21
CA ASN A 130 -31.12 4.15 -8.32
C ASN A 130 -29.87 4.09 -7.48
N GLU A 131 -29.72 5.07 -6.62
CA GLU A 131 -28.57 5.18 -5.74
C GLU A 131 -28.21 3.92 -4.97
N GLU A 132 -29.21 3.28 -4.38
CA GLU A 132 -29.00 2.08 -3.60
C GLU A 132 -28.26 0.99 -4.37
N THR A 133 -28.73 0.68 -5.57
CA THR A 133 -28.10 -0.37 -6.35
C THR A 133 -26.82 0.08 -7.02
N PHE A 134 -26.68 1.38 -7.21
CA PHE A 134 -25.49 1.93 -7.84
C PHE A 134 -24.30 1.67 -6.93
N LEU A 135 -24.50 1.90 -5.63
CA LEU A 135 -23.45 1.71 -4.64
C LEU A 135 -23.20 0.24 -4.29
N LYS A 136 -24.23 -0.59 -4.37
CA LYS A 136 -24.07 -2.00 -4.04
C LYS A 136 -23.32 -2.71 -5.16
N LYS A 137 -23.58 -2.26 -6.38
CA LYS A 137 -22.92 -2.82 -7.56
C LYS A 137 -21.45 -2.51 -7.37
N TYR A 138 -21.17 -1.27 -7.00
CA TYR A 138 -19.81 -0.84 -6.75
C TYR A 138 -19.14 -1.76 -5.73
N LEU A 139 -19.76 -1.94 -4.56
CA LEU A 139 -19.21 -2.80 -3.53
C LEU A 139 -19.02 -4.22 -4.04
N TYR A 140 -19.93 -4.65 -4.89
CA TYR A 140 -19.90 -5.98 -5.45
C TYR A 140 -18.68 -6.20 -6.35
N GLU A 141 -18.51 -5.28 -7.30
CA GLU A 141 -17.41 -5.32 -8.24
C GLU A 141 -16.06 -5.24 -7.53
N ILE A 142 -15.97 -4.40 -6.51
CA ILE A 142 -14.71 -4.27 -5.79
C ILE A 142 -14.42 -5.48 -4.92
N ALA A 143 -15.40 -5.87 -4.12
CA ALA A 143 -15.23 -6.99 -3.22
C ALA A 143 -14.79 -8.26 -3.95
N ARG A 144 -15.45 -8.57 -5.07
CA ARG A 144 -15.12 -9.79 -5.79
C ARG A 144 -13.71 -9.75 -6.41
N ARG A 145 -13.16 -8.56 -6.57
CA ARG A 145 -11.83 -8.42 -7.14
C ARG A 145 -10.75 -8.38 -6.06
N HIS A 146 -11.16 -8.18 -4.82
CA HIS A 146 -10.22 -8.10 -3.71
C HIS A 146 -10.77 -8.93 -2.56
N PRO A 147 -10.82 -10.25 -2.73
CA PRO A 147 -11.32 -11.26 -1.78
C PRO A 147 -10.80 -11.13 -0.36
N TYR A 148 -9.64 -10.49 -0.19
CA TYR A 148 -9.04 -10.36 1.12
C TYR A 148 -9.13 -8.98 1.75
N PHE A 149 -9.55 -7.99 0.97
CA PHE A 149 -9.67 -6.64 1.49
C PHE A 149 -10.56 -6.70 2.73
N TYR A 150 -10.12 -6.09 3.82
CA TYR A 150 -10.91 -6.11 5.05
C TYR A 150 -12.26 -5.45 4.77
N ALA A 151 -13.33 -6.25 4.78
CA ALA A 151 -14.67 -5.78 4.47
C ALA A 151 -15.01 -4.39 5.02
N PRO A 152 -14.77 -4.14 6.31
CA PRO A 152 -15.10 -2.81 6.81
C PRO A 152 -14.35 -1.65 6.13
N GLU A 153 -13.05 -1.82 5.84
CA GLU A 153 -12.29 -0.76 5.17
C GLU A 153 -12.97 -0.49 3.83
N LEU A 154 -13.47 -1.57 3.24
CA LEU A 154 -14.15 -1.49 1.95
C LEU A 154 -15.40 -0.62 2.09
N LEU A 155 -16.12 -0.81 3.18
CA LEU A 155 -17.32 -0.03 3.40
C LEU A 155 -16.95 1.44 3.58
N PHE A 156 -15.83 1.69 4.23
CA PHE A 156 -15.36 3.06 4.44
C PHE A 156 -15.11 3.72 3.07
N PHE A 157 -14.56 2.95 2.14
CA PHE A 157 -14.30 3.49 0.81
C PHE A 157 -15.60 3.74 0.07
N ALA A 158 -16.58 2.85 0.27
CA ALA A 158 -17.86 2.99 -0.38
C ALA A 158 -18.50 4.31 -0.03
N LYS A 159 -18.50 4.65 1.25
CA LYS A 159 -19.12 5.88 1.69
C LYS A 159 -18.50 7.16 1.14
N ARG A 160 -17.19 7.13 0.86
CA ARG A 160 -16.53 8.31 0.29
C ARG A 160 -16.86 8.37 -1.17
N TYR A 161 -17.10 7.19 -1.71
CA TYR A 161 -17.47 7.01 -3.10
C TYR A 161 -18.83 7.71 -3.31
N LYS A 162 -19.74 7.46 -2.37
CA LYS A 162 -21.07 8.04 -2.41
C LYS A 162 -21.01 9.54 -2.24
N ALA A 163 -20.15 10.01 -1.35
CA ALA A 163 -20.02 11.44 -1.12
C ALA A 163 -19.57 12.13 -2.40
N ALA A 164 -18.62 11.53 -3.09
CA ALA A 164 -18.14 12.12 -4.34
C ALA A 164 -19.27 12.33 -5.35
N PHE A 165 -20.20 11.38 -5.41
CA PHE A 165 -21.31 11.51 -6.36
C PHE A 165 -22.32 12.52 -5.86
N THR A 166 -22.63 12.47 -4.57
CA THR A 166 -23.58 13.42 -4.01
C THR A 166 -23.11 14.84 -4.27
N GLU A 167 -21.84 15.08 -3.98
CA GLU A 167 -21.28 16.40 -4.17
C GLU A 167 -21.08 16.82 -5.61
N CYS A 168 -20.56 15.91 -6.43
CA CYS A 168 -20.27 16.26 -7.80
C CYS A 168 -21.35 16.19 -8.85
N CYS A 169 -22.35 15.33 -8.68
CA CYS A 169 -23.37 15.26 -9.70
C CYS A 169 -24.27 16.50 -9.69
N GLN A 170 -24.19 17.29 -8.63
CA GLN A 170 -24.99 18.52 -8.50
C GLN A 170 -24.17 19.71 -9.02
N ALA A 171 -22.87 19.50 -9.13
CA ALA A 171 -21.94 20.53 -9.59
C ALA A 171 -22.27 21.05 -10.98
N ALA A 172 -21.82 22.26 -11.26
CA ALA A 172 -22.04 22.88 -12.56
C ALA A 172 -21.21 22.09 -13.56
N ASP A 173 -19.96 21.80 -13.18
CA ASP A 173 -19.05 21.04 -14.02
C ASP A 173 -18.74 19.70 -13.35
N LYS A 174 -19.62 18.74 -13.57
CA LYS A 174 -19.52 17.40 -12.98
C LYS A 174 -18.15 16.73 -13.12
N ALA A 175 -17.64 16.64 -14.34
CA ALA A 175 -16.36 15.98 -14.56
C ALA A 175 -15.21 16.58 -13.73
N ALA A 176 -15.00 17.88 -13.84
CA ALA A 176 -13.93 18.55 -13.10
C ALA A 176 -14.02 18.29 -11.60
N CYS A 177 -15.22 17.93 -11.14
CA CYS A 177 -15.44 17.66 -9.73
C CYS A 177 -15.29 16.17 -9.38
N LEU A 178 -15.93 15.31 -10.16
CA LEU A 178 -15.91 13.88 -9.92
C LEU A 178 -14.62 13.14 -10.25
N LEU A 179 -14.25 13.11 -11.53
CA LEU A 179 -13.05 12.41 -11.96
C LEU A 179 -11.89 12.44 -10.98
N PRO A 180 -11.39 13.62 -10.61
CA PRO A 180 -10.27 13.67 -9.67
C PRO A 180 -10.54 12.94 -8.36
N LYS A 181 -11.75 13.08 -7.82
CA LYS A 181 -12.09 12.39 -6.58
C LYS A 181 -12.08 10.88 -6.82
N LEU A 182 -12.52 10.48 -8.00
CA LEU A 182 -12.54 9.06 -8.34
C LEU A 182 -11.12 8.54 -8.48
N ASP A 183 -10.29 9.27 -9.21
CA ASP A 183 -8.92 8.83 -9.42
C ASP A 183 -8.18 8.68 -8.10
N GLU A 184 -8.44 9.60 -7.19
CA GLU A 184 -7.79 9.56 -5.88
C GLU A 184 -8.29 8.37 -5.08
N LEU A 185 -9.58 8.08 -5.18
CA LEU A 185 -10.16 6.96 -4.47
C LEU A 185 -9.53 5.67 -4.94
N ARG A 186 -9.44 5.52 -6.25
CA ARG A 186 -8.84 4.33 -6.82
C ARG A 186 -7.42 4.18 -6.27
N ASP A 187 -6.64 5.25 -6.38
CA ASP A 187 -5.27 5.21 -5.88
C ASP A 187 -5.20 4.77 -4.42
N GLU A 188 -5.90 5.49 -3.55
CA GLU A 188 -5.88 5.12 -2.14
C GLU A 188 -6.34 3.69 -1.91
N GLY A 189 -7.33 3.27 -2.70
CA GLY A 189 -7.83 1.92 -2.55
C GLY A 189 -6.78 0.89 -2.92
N LYS A 190 -6.14 1.10 -4.06
CA LYS A 190 -5.10 0.20 -4.51
C LYS A 190 -3.93 0.21 -3.53
N ALA A 191 -3.60 1.39 -3.01
CA ALA A 191 -2.50 1.52 -2.05
C ALA A 191 -2.83 0.72 -0.80
N SER A 192 -4.03 0.94 -0.26
CA SER A 192 -4.48 0.24 0.93
C SER A 192 -4.45 -1.29 0.72
N SER A 193 -5.01 -1.73 -0.39
CA SER A 193 -5.01 -3.14 -0.71
C SER A 193 -3.56 -3.69 -0.80
N ALA A 194 -2.72 -3.01 -1.57
CA ALA A 194 -1.33 -3.46 -1.71
C ALA A 194 -0.62 -3.57 -0.34
N LYS A 195 -0.93 -2.66 0.58
CA LYS A 195 -0.30 -2.71 1.89
C LYS A 195 -0.76 -3.93 2.68
N GLN A 196 -2.06 -4.20 2.67
CA GLN A 196 -2.59 -5.34 3.39
C GLN A 196 -1.92 -6.63 2.92
N ARG A 197 -1.75 -6.76 1.60
CA ARG A 197 -1.12 -7.94 1.04
C ARG A 197 0.34 -7.95 1.42
N LEU A 198 0.95 -6.77 1.36
CA LEU A 198 2.35 -6.60 1.71
C LEU A 198 2.58 -7.04 3.16
N LYS A 199 1.72 -6.61 4.07
CA LYS A 199 1.89 -7.00 5.47
C LYS A 199 1.76 -8.51 5.63
N CYS A 200 0.77 -9.10 4.98
CA CYS A 200 0.59 -10.54 5.09
C CYS A 200 1.78 -11.32 4.53
N ALA A 201 2.30 -10.87 3.40
CA ALA A 201 3.44 -11.54 2.78
C ALA A 201 4.63 -11.49 3.74
N SER A 202 4.86 -10.31 4.31
CA SER A 202 5.96 -10.10 5.24
C SER A 202 5.88 -11.08 6.40
N LEU A 203 4.72 -11.17 7.03
CA LEU A 203 4.55 -12.08 8.16
C LEU A 203 4.90 -13.52 7.78
N GLN A 204 4.69 -13.85 6.51
CA GLN A 204 4.95 -15.20 6.01
C GLN A 204 6.44 -15.46 5.83
N LYS A 205 7.09 -14.64 5.01
CA LYS A 205 8.52 -14.77 4.76
C LYS A 205 9.34 -14.58 6.04
N PHE A 206 9.44 -13.31 6.44
CA PHE A 206 10.21 -12.85 7.57
C PHE A 206 9.81 -13.27 8.99
N GLY A 207 8.72 -14.00 9.13
CA GLY A 207 8.34 -14.46 10.46
C GLY A 207 7.78 -13.46 11.46
N GLU A 208 7.29 -14.01 12.56
CA GLU A 208 6.66 -13.25 13.62
C GLU A 208 7.56 -12.26 14.36
N ARG A 209 8.76 -12.70 14.72
CA ARG A 209 9.68 -11.84 15.42
C ARG A 209 9.86 -10.51 14.70
N ALA A 210 10.21 -10.59 13.43
CA ALA A 210 10.42 -9.40 12.61
C ALA A 210 9.16 -8.54 12.53
N PHE A 211 8.00 -9.18 12.61
CA PHE A 211 6.76 -8.43 12.54
C PHE A 211 6.55 -7.65 13.84
N LYS A 212 6.75 -8.34 14.95
CA LYS A 212 6.61 -7.73 16.26
C LYS A 212 7.56 -6.53 16.37
N ALA A 213 8.74 -6.69 15.77
CA ALA A 213 9.74 -5.64 15.79
C ALA A 213 9.19 -4.44 15.06
N TRP A 214 8.75 -4.67 13.82
CA TRP A 214 8.18 -3.62 13.01
C TRP A 214 7.08 -2.91 13.82
N ALA A 215 6.28 -3.71 14.51
CA ALA A 215 5.17 -3.19 15.29
C ALA A 215 5.60 -2.39 16.51
N VAL A 216 6.61 -2.87 17.23
CA VAL A 216 7.06 -2.14 18.41
C VAL A 216 7.47 -0.73 17.98
N ALA A 217 8.21 -0.66 16.90
CA ALA A 217 8.68 0.62 16.41
C ALA A 217 7.55 1.55 16.01
N ARG A 218 6.68 1.08 15.13
CA ARG A 218 5.57 1.91 14.67
C ARG A 218 4.68 2.33 15.81
N LEU A 219 4.31 1.41 16.69
CA LEU A 219 3.46 1.77 17.81
C LEU A 219 4.13 2.72 18.81
N SER A 220 5.45 2.65 18.93
CA SER A 220 6.15 3.52 19.87
C SER A 220 6.16 4.97 19.39
N GLN A 221 6.32 5.17 18.09
CA GLN A 221 6.31 6.51 17.53
C GLN A 221 4.91 7.10 17.71
N ARG A 222 3.89 6.27 17.57
CA ARG A 222 2.51 6.74 17.70
C ARG A 222 2.11 7.04 19.13
N PHE A 223 2.43 6.13 20.03
CA PHE A 223 2.07 6.27 21.42
C PHE A 223 3.31 6.39 22.29
N PRO A 224 4.09 7.47 22.11
CA PRO A 224 5.31 7.70 22.87
C PRO A 224 5.15 7.84 24.39
N LYS A 225 3.92 8.06 24.86
CA LYS A 225 3.69 8.19 26.30
C LYS A 225 3.34 6.85 26.96
N ALA A 226 2.96 5.85 26.17
CA ALA A 226 2.61 4.56 26.76
C ALA A 226 3.82 3.82 27.34
N GLU A 227 3.56 3.01 28.35
CA GLU A 227 4.59 2.22 29.01
C GLU A 227 5.00 1.10 28.07
N PHE A 228 6.25 0.66 28.18
CA PHE A 228 6.71 -0.43 27.33
C PHE A 228 5.79 -1.63 27.47
N ALA A 229 5.42 -1.93 28.71
CA ALA A 229 4.53 -3.04 29.00
C ALA A 229 3.27 -2.97 28.14
N GLU A 230 2.70 -1.77 28.04
CA GLU A 230 1.50 -1.54 27.26
C GLU A 230 1.76 -1.77 25.76
N VAL A 231 2.87 -1.23 25.27
CA VAL A 231 3.23 -1.39 23.88
C VAL A 231 3.41 -2.87 23.54
N SER A 232 4.03 -3.63 24.45
CA SER A 232 4.23 -5.05 24.24
C SER A 232 2.90 -5.77 24.08
N LYS A 233 2.01 -5.51 25.03
CA LYS A 233 0.68 -6.09 25.04
C LYS A 233 0.02 -5.83 23.68
N LEU A 234 0.05 -4.59 23.24
CA LEU A 234 -0.54 -4.21 21.96
C LEU A 234 0.13 -4.90 20.79
N VAL A 235 1.46 -4.90 20.78
CA VAL A 235 2.17 -5.54 19.70
C VAL A 235 1.71 -6.98 19.60
N THR A 236 1.59 -7.63 20.73
CA THR A 236 1.15 -9.02 20.79
C THR A 236 -0.24 -9.23 20.16
N ASP A 237 -1.23 -8.49 20.65
CA ASP A 237 -2.59 -8.60 20.13
C ASP A 237 -2.69 -8.18 18.67
N LEU A 238 -1.87 -7.22 18.27
CA LEU A 238 -1.90 -6.76 16.90
C LEU A 238 -1.35 -7.86 16.00
N THR A 239 -0.40 -8.63 16.51
CA THR A 239 0.17 -9.70 15.72
C THR A 239 -0.84 -10.81 15.55
N LYS A 240 -1.63 -11.05 16.59
CA LYS A 240 -2.65 -12.08 16.48
C LYS A 240 -3.65 -11.60 15.45
N VAL A 241 -4.05 -10.34 15.54
CA VAL A 241 -5.01 -9.79 14.60
C VAL A 241 -4.61 -10.00 13.15
N HIS A 242 -3.42 -9.54 12.80
CA HIS A 242 -2.92 -9.68 11.43
C HIS A 242 -2.79 -11.13 10.99
N THR A 243 -2.42 -12.00 11.91
CA THR A 243 -2.30 -13.42 11.61
C THR A 243 -3.68 -13.92 11.17
N GLU A 244 -4.68 -13.69 12.01
CA GLU A 244 -6.02 -14.13 11.67
C GLU A 244 -6.55 -13.39 10.46
N CYS A 245 -6.38 -12.08 10.42
CA CYS A 245 -6.87 -11.32 9.28
C CYS A 245 -6.22 -11.77 7.99
N CYS A 246 -4.96 -12.18 8.05
CA CYS A 246 -4.26 -12.63 6.85
C CYS A 246 -4.73 -14.01 6.42
N HIS A 247 -5.17 -14.83 7.37
CA HIS A 247 -5.65 -16.15 7.04
C HIS A 247 -6.93 -16.06 6.20
N GLY A 248 -7.56 -14.89 6.20
CA GLY A 248 -8.75 -14.70 5.39
C GLY A 248 -10.10 -14.81 6.09
N ASP A 249 -10.12 -15.28 7.33
CA ASP A 249 -11.37 -15.43 8.05
C ASP A 249 -11.90 -14.09 8.55
N LEU A 250 -12.85 -13.53 7.81
CA LEU A 250 -13.44 -12.23 8.13
C LEU A 250 -13.99 -12.05 9.54
N LEU A 251 -14.74 -13.02 10.04
CA LEU A 251 -15.32 -12.87 11.38
C LEU A 251 -14.28 -12.72 12.47
N GLU A 252 -13.40 -13.71 12.59
CA GLU A 252 -12.35 -13.70 13.59
C GLU A 252 -11.58 -12.39 13.45
N CYS A 253 -11.20 -12.09 12.22
CA CYS A 253 -10.45 -10.89 11.93
C CYS A 253 -11.17 -9.68 12.53
N ALA A 254 -12.46 -9.58 12.26
CA ALA A 254 -13.28 -8.48 12.75
C ALA A 254 -13.43 -8.45 14.26
N ASP A 255 -13.62 -9.61 14.88
CA ASP A 255 -13.79 -9.62 16.32
C ASP A 255 -12.50 -9.26 17.02
N ASP A 256 -11.38 -9.73 16.48
CA ASP A 256 -10.09 -9.42 17.07
C ASP A 256 -9.86 -7.91 17.02
N ARG A 257 -10.16 -7.30 15.88
CA ARG A 257 -9.98 -5.86 15.73
C ARG A 257 -10.93 -5.09 16.64
N ALA A 258 -12.15 -5.58 16.76
CA ALA A 258 -13.12 -4.91 17.61
C ALA A 258 -12.58 -4.96 19.04
N ASP A 259 -12.17 -6.14 19.48
CA ASP A 259 -11.64 -6.28 20.83
C ASP A 259 -10.48 -5.33 21.09
N LEU A 260 -9.51 -5.33 20.17
CA LEU A 260 -8.35 -4.48 20.32
C LEU A 260 -8.72 -3.01 20.47
N ALA A 261 -9.67 -2.57 19.68
CA ALA A 261 -10.12 -1.18 19.72
C ALA A 261 -10.76 -0.83 21.06
N LYS A 262 -11.61 -1.70 21.59
CA LYS A 262 -12.25 -1.42 22.87
C LYS A 262 -11.16 -1.38 23.94
N TYR A 263 -10.31 -2.40 23.97
CA TYR A 263 -9.23 -2.43 24.94
C TYR A 263 -8.50 -1.09 24.90
N ILE A 264 -8.11 -0.69 23.71
CA ILE A 264 -7.39 0.56 23.56
C ILE A 264 -8.21 1.73 24.09
N CYS A 265 -9.46 1.84 23.67
CA CYS A 265 -10.30 2.94 24.12
C CYS A 265 -10.55 2.98 25.63
N GLU A 266 -10.53 1.82 26.27
CA GLU A 266 -10.75 1.78 27.70
C GLU A 266 -9.50 2.23 28.45
N ASN A 267 -8.35 1.99 27.85
CA ASN A 267 -7.09 2.36 28.48
C ASN A 267 -6.42 3.51 27.76
N GLN A 268 -7.22 4.27 27.02
CA GLN A 268 -6.68 5.38 26.25
C GLN A 268 -5.92 6.45 27.02
N ASP A 269 -6.37 6.83 28.20
CA ASP A 269 -5.66 7.87 28.93
C ASP A 269 -4.23 7.47 29.32
N SER A 270 -3.88 6.20 29.13
CA SER A 270 -2.54 5.71 29.45
C SER A 270 -1.83 5.21 28.18
N ILE A 271 -2.48 5.42 27.03
CA ILE A 271 -1.92 4.99 25.76
C ILE A 271 -1.60 6.21 24.91
N SER A 272 -2.58 7.07 24.70
CA SER A 272 -2.38 8.26 23.89
C SER A 272 -3.50 9.25 24.12
N SER A 273 -3.17 10.53 24.03
CA SER A 273 -4.18 11.55 24.24
C SER A 273 -4.97 11.80 22.96
N LYS A 274 -4.35 11.53 21.81
CA LYS A 274 -4.98 11.75 20.51
C LYS A 274 -6.07 10.74 20.14
N LEU A 275 -6.54 9.98 21.11
CA LEU A 275 -7.56 8.97 20.82
C LEU A 275 -9.00 9.30 21.18
N LYS A 276 -9.26 10.49 21.71
CA LYS A 276 -10.63 10.86 22.07
C LYS A 276 -11.57 10.76 20.88
N GLU A 277 -11.23 11.46 19.79
CA GLU A 277 -12.04 11.45 18.58
C GLU A 277 -12.39 10.02 18.12
N CYS A 278 -11.36 9.25 17.81
CA CYS A 278 -11.54 7.86 17.36
C CYS A 278 -12.39 7.01 18.26
N CYS A 279 -12.23 7.20 19.55
CA CYS A 279 -12.94 6.38 20.51
C CYS A 279 -14.43 6.65 20.72
N GLU A 280 -14.94 7.69 20.08
CA GLU A 280 -16.36 8.01 20.20
C GLU A 280 -17.10 7.42 19.02
N LYS A 281 -16.43 7.39 17.87
CA LYS A 281 -17.02 6.87 16.65
C LYS A 281 -17.74 5.53 16.78
N PRO A 282 -18.61 5.21 15.81
CA PRO A 282 -19.37 3.96 15.82
C PRO A 282 -18.47 2.73 15.70
N LEU A 283 -18.91 1.64 16.31
CA LEU A 283 -18.20 0.37 16.32
C LEU A 283 -17.42 0.07 15.04
N LEU A 284 -18.06 0.28 13.90
CA LEU A 284 -17.44 -0.02 12.63
C LEU A 284 -16.23 0.83 12.29
N GLU A 285 -16.19 2.04 12.80
CA GLU A 285 -15.09 2.93 12.49
C GLU A 285 -13.95 3.08 13.51
N LYS A 286 -14.07 2.43 14.66
CA LYS A 286 -13.03 2.55 15.67
C LYS A 286 -11.66 2.09 15.19
N SER A 287 -11.59 0.84 14.73
CA SER A 287 -10.34 0.27 14.22
C SER A 287 -9.73 1.15 13.15
N HIS A 288 -10.51 1.46 12.12
CA HIS A 288 -10.03 2.25 11.02
C HIS A 288 -9.39 3.53 11.52
N CYS A 289 -10.13 4.24 12.36
CA CYS A 289 -9.69 5.51 12.92
C CYS A 289 -8.40 5.37 13.73
N ILE A 290 -8.40 4.46 14.68
CA ILE A 290 -7.24 4.25 15.51
C ILE A 290 -6.00 3.90 14.69
N ALA A 291 -6.17 3.06 13.67
CA ALA A 291 -5.05 2.66 12.83
C ALA A 291 -4.37 3.85 12.15
N GLU A 292 -5.11 4.91 11.90
CA GLU A 292 -4.56 6.10 11.24
C GLU A 292 -4.40 7.32 12.15
N VAL A 293 -4.61 7.13 13.46
CA VAL A 293 -4.50 8.23 14.41
C VAL A 293 -3.14 8.92 14.39
N GLU A 294 -3.16 10.24 14.47
CA GLU A 294 -1.97 11.07 14.45
C GLU A 294 -1.00 10.73 15.61
N ASN A 295 0.30 10.88 15.38
CA ASN A 295 1.27 10.60 16.43
C ASN A 295 1.00 11.52 17.61
N ASP A 296 1.18 11.01 18.82
CA ASP A 296 0.95 11.82 20.00
C ASP A 296 2.19 12.65 20.28
N GLU A 297 2.07 13.65 21.14
CA GLU A 297 3.20 14.48 21.49
C GLU A 297 4.06 13.59 22.40
N MET A 298 5.37 13.66 22.23
CA MET A 298 6.26 12.82 23.04
C MET A 298 6.62 13.47 24.38
N PRO A 299 6.86 12.63 25.41
CA PRO A 299 7.21 13.10 26.75
C PRO A 299 8.27 14.18 26.69
N ALA A 300 8.12 15.20 27.53
CA ALA A 300 9.05 16.32 27.55
C ALA A 300 10.36 15.98 28.27
N ASP A 301 10.24 15.35 29.43
CA ASP A 301 11.41 14.99 30.20
C ASP A 301 11.92 13.58 29.88
N LEU A 302 12.51 13.41 28.69
CA LEU A 302 13.01 12.11 28.28
C LEU A 302 14.54 12.01 28.26
N PRO A 303 15.09 11.10 29.07
CA PRO A 303 16.52 10.80 29.24
C PRO A 303 17.27 10.50 27.95
N SER A 304 18.59 10.39 28.04
CA SER A 304 19.41 10.08 26.88
C SER A 304 19.50 8.56 26.84
N LEU A 305 19.26 7.97 25.67
CA LEU A 305 19.29 6.53 25.54
C LEU A 305 20.57 5.91 26.09
N ALA A 306 21.69 6.54 25.77
CA ALA A 306 23.02 6.08 26.18
C ALA A 306 23.15 5.77 27.66
N ALA A 307 22.23 6.29 28.45
CA ALA A 307 22.25 6.03 29.89
C ALA A 307 21.97 4.56 30.17
N ASP A 308 20.85 4.07 29.65
CA ASP A 308 20.47 2.68 29.87
C ASP A 308 21.08 1.70 28.88
N PHE A 309 21.50 2.17 27.71
CA PHE A 309 22.03 1.26 26.70
C PHE A 309 23.52 1.31 26.33
N VAL A 310 24.27 2.26 26.89
CA VAL A 310 25.70 2.34 26.57
C VAL A 310 26.53 2.51 27.83
N GLU A 311 26.17 3.53 28.60
CA GLU A 311 26.87 3.84 29.83
C GLU A 311 26.63 2.85 30.96
N SER A 312 25.44 2.25 31.01
CA SER A 312 25.13 1.28 32.06
C SER A 312 26.15 0.14 32.11
N LYS A 313 26.29 -0.44 33.29
CA LYS A 313 27.24 -1.54 33.50
C LYS A 313 26.59 -2.91 33.36
N ASP A 314 25.27 -2.96 33.54
CA ASP A 314 24.54 -4.23 33.43
C ASP A 314 23.85 -4.38 32.08
N VAL A 315 24.45 -3.85 31.02
CA VAL A 315 23.85 -3.95 29.70
C VAL A 315 23.81 -5.42 29.25
N CYS A 316 24.98 -6.06 29.19
CA CYS A 316 24.99 -7.45 28.78
C CYS A 316 24.21 -8.35 29.73
N LYS A 317 24.16 -7.98 31.00
CA LYS A 317 23.41 -8.77 31.96
C LYS A 317 21.92 -8.69 31.61
N ASN A 318 21.41 -7.47 31.45
CA ASN A 318 20.00 -7.30 31.12
C ASN A 318 19.70 -7.88 29.75
N TYR A 319 20.68 -7.84 28.88
CA TYR A 319 20.50 -8.37 27.54
C TYR A 319 20.41 -9.88 27.54
N ALA A 320 21.42 -10.53 28.13
CA ALA A 320 21.48 -11.98 28.17
C ALA A 320 20.22 -12.52 28.82
N GLU A 321 19.72 -11.79 29.80
CA GLU A 321 18.53 -12.18 30.55
C GLU A 321 17.24 -12.34 29.75
N ALA A 322 17.16 -11.67 28.60
CA ALA A 322 16.00 -11.71 27.72
C ALA A 322 16.33 -10.80 26.53
N LYS A 323 17.13 -11.33 25.61
CA LYS A 323 17.58 -10.58 24.45
C LYS A 323 16.50 -9.82 23.69
N ASP A 324 15.51 -10.55 23.20
CA ASP A 324 14.44 -9.93 22.46
C ASP A 324 13.79 -8.80 23.24
N VAL A 325 13.50 -9.04 24.52
CA VAL A 325 12.88 -8.02 25.33
C VAL A 325 13.71 -6.75 25.43
N PHE A 326 15.00 -6.92 25.74
CA PHE A 326 15.91 -5.81 25.85
C PHE A 326 15.91 -5.06 24.53
N LEU A 327 16.12 -5.79 23.44
CA LEU A 327 16.12 -5.16 22.12
C LEU A 327 14.77 -4.46 21.88
N GLY A 328 13.71 -5.02 22.46
CA GLY A 328 12.40 -4.42 22.31
C GLY A 328 12.38 -3.07 23.00
N MET A 329 12.89 -3.01 24.22
CA MET A 329 12.94 -1.76 24.95
C MET A 329 13.81 -0.73 24.20
N PHE A 330 14.90 -1.20 23.61
CA PHE A 330 15.77 -0.31 22.86
C PHE A 330 14.94 0.36 21.77
N LEU A 331 14.38 -0.46 20.89
CA LEU A 331 13.54 0.02 19.81
C LEU A 331 12.46 0.96 20.32
N TYR A 332 11.78 0.54 21.38
CA TYR A 332 10.73 1.38 21.94
C TYR A 332 11.26 2.75 22.32
N GLU A 333 12.41 2.77 22.99
CA GLU A 333 13.02 4.01 23.41
C GLU A 333 13.45 4.82 22.22
N TYR A 334 14.11 4.19 21.26
CA TYR A 334 14.56 4.91 20.09
C TYR A 334 13.42 5.42 19.20
N ALA A 335 12.38 4.62 19.03
CA ALA A 335 11.28 5.01 18.16
C ALA A 335 10.41 6.15 18.68
N ARG A 336 10.04 6.13 19.96
CA ARG A 336 9.20 7.19 20.48
C ARG A 336 9.88 8.54 20.55
N ARG A 337 11.17 8.57 20.29
CA ARG A 337 11.86 9.85 20.32
C ARG A 337 12.11 10.25 18.91
N HIS A 338 11.69 9.40 17.97
CA HIS A 338 11.90 9.68 16.57
C HIS A 338 10.74 9.38 15.64
N PRO A 339 9.65 10.14 15.78
CA PRO A 339 8.48 9.91 14.91
C PRO A 339 8.90 10.28 13.51
N ASP A 340 10.06 10.93 13.39
CA ASP A 340 10.58 11.36 12.10
C ASP A 340 11.41 10.32 11.36
N TYR A 341 11.75 9.21 12.00
CA TYR A 341 12.49 8.18 11.28
C TYR A 341 11.49 7.23 10.63
N SER A 342 11.93 6.55 9.58
CA SER A 342 11.08 5.56 8.93
C SER A 342 11.19 4.35 9.87
N VAL A 343 10.21 3.46 9.82
CA VAL A 343 10.22 2.27 10.68
C VAL A 343 11.41 1.39 10.36
N VAL A 344 11.64 1.17 9.08
CA VAL A 344 12.72 0.30 8.68
C VAL A 344 14.11 0.85 9.07
N LEU A 345 14.25 2.17 9.23
CA LEU A 345 15.50 2.78 9.66
C LEU A 345 15.69 2.43 11.14
N LEU A 346 14.60 2.48 11.88
CA LEU A 346 14.66 2.14 13.28
C LEU A 346 15.02 0.66 13.42
N LEU A 347 14.59 -0.16 12.47
CA LEU A 347 14.92 -1.58 12.54
C LEU A 347 16.41 -1.76 12.23
N ARG A 348 16.93 -0.99 11.27
CA ARG A 348 18.35 -1.05 10.93
C ARG A 348 19.22 -0.72 12.16
N LEU A 349 18.87 0.34 12.88
CA LEU A 349 19.64 0.70 14.05
C LEU A 349 19.59 -0.45 15.05
N ALA A 350 18.38 -0.92 15.33
CA ALA A 350 18.18 -2.02 16.28
C ALA A 350 19.01 -3.23 15.90
N LYS A 351 19.06 -3.54 14.60
CA LYS A 351 19.81 -4.70 14.15
C LYS A 351 21.30 -4.45 14.44
N THR A 352 21.74 -3.23 14.15
CA THR A 352 23.13 -2.84 14.37
C THR A 352 23.47 -2.99 15.84
N TYR A 353 22.58 -2.52 16.70
CA TYR A 353 22.79 -2.61 18.15
C TYR A 353 22.92 -4.08 18.53
N GLU A 354 22.05 -4.91 17.95
CA GLU A 354 22.05 -6.33 18.22
C GLU A 354 23.38 -6.96 17.83
N THR A 355 23.86 -6.66 16.63
CA THR A 355 25.11 -7.24 16.19
C THR A 355 26.21 -6.84 17.17
N THR A 356 26.23 -5.59 17.56
CA THR A 356 27.24 -5.10 18.49
C THR A 356 27.16 -5.83 19.82
N LEU A 357 25.97 -5.90 20.42
CA LEU A 357 25.84 -6.60 21.69
C LEU A 357 26.28 -8.07 21.57
N GLU A 358 26.01 -8.69 20.44
CA GLU A 358 26.39 -10.07 20.25
C GLU A 358 27.90 -10.29 20.28
N LYS A 359 28.65 -9.35 19.71
CA LYS A 359 30.12 -9.44 19.72
C LYS A 359 30.61 -9.02 21.10
N CYS A 360 30.43 -7.74 21.37
CA CYS A 360 30.85 -7.11 22.61
C CYS A 360 30.56 -7.79 23.94
N CYS A 361 29.49 -8.55 24.03
CA CYS A 361 29.21 -9.19 25.31
C CYS A 361 30.07 -10.42 25.54
N ALA A 362 30.93 -10.71 24.57
CA ALA A 362 31.83 -11.85 24.69
C ALA A 362 33.23 -11.32 24.43
N ALA A 363 33.45 -10.08 24.85
CA ALA A 363 34.74 -9.42 24.68
C ALA A 363 35.33 -9.13 26.06
N ALA A 364 36.63 -8.90 26.11
CA ALA A 364 37.32 -8.62 27.36
C ALA A 364 36.49 -7.71 28.27
N ASP A 365 36.47 -6.43 27.94
CA ASP A 365 35.75 -5.43 28.68
C ASP A 365 34.60 -4.90 27.82
N PRO A 366 33.43 -5.56 27.93
CA PRO A 366 32.20 -5.24 27.19
C PRO A 366 31.96 -3.74 27.00
N HIS A 367 31.85 -3.03 28.12
CA HIS A 367 31.62 -1.60 28.14
C HIS A 367 32.56 -0.81 27.23
N GLU A 368 33.74 -1.36 26.95
CA GLU A 368 34.71 -0.67 26.12
C GLU A 368 34.51 -1.00 24.65
N CYS A 369 33.85 -2.13 24.41
CA CYS A 369 33.62 -2.60 23.06
C CYS A 369 32.41 -1.94 22.43
N TYR A 370 31.35 -1.81 23.21
CA TYR A 370 30.12 -1.21 22.70
C TYR A 370 29.94 0.25 23.09
N ALA A 371 30.98 0.85 23.67
CA ALA A 371 30.93 2.22 24.13
C ALA A 371 30.62 3.27 23.07
N LYS A 372 31.12 3.09 21.85
CA LYS A 372 30.87 4.07 20.80
C LYS A 372 29.90 3.60 19.72
N VAL A 373 28.98 2.70 20.07
CA VAL A 373 28.03 2.16 19.09
C VAL A 373 27.11 3.21 18.44
N PHE A 374 26.63 4.16 19.23
CA PHE A 374 25.77 5.21 18.72
C PHE A 374 26.41 5.96 17.55
N ASP A 375 27.74 5.97 17.51
CA ASP A 375 28.43 6.65 16.42
C ASP A 375 28.22 5.87 15.14
N GLU A 376 27.95 4.58 15.28
CA GLU A 376 27.74 3.74 14.12
C GLU A 376 26.37 3.99 13.48
N PHE A 377 25.47 4.61 14.24
CA PHE A 377 24.13 4.93 13.78
C PHE A 377 24.08 6.12 12.81
N LYS A 378 24.82 7.18 13.15
CA LYS A 378 24.87 8.41 12.35
C LYS A 378 24.84 8.24 10.82
N PRO A 379 25.76 7.45 10.26
CA PRO A 379 25.73 7.28 8.81
C PRO A 379 24.50 6.51 8.33
N LEU A 380 23.93 5.68 9.19
CA LEU A 380 22.74 4.93 8.85
C LEU A 380 21.55 5.89 8.78
N VAL A 381 21.47 6.78 9.75
CA VAL A 381 20.41 7.76 9.80
C VAL A 381 20.55 8.79 8.69
N GLU A 382 21.78 9.15 8.38
CA GLU A 382 22.06 10.16 7.37
C GLU A 382 21.84 9.78 5.92
N GLU A 383 22.03 8.50 5.60
CA GLU A 383 21.85 8.05 4.24
C GLU A 383 20.44 8.37 3.74
N PRO A 384 19.40 7.89 4.46
CA PRO A 384 18.05 8.18 4.01
C PRO A 384 17.71 9.68 4.07
N GLN A 385 18.25 10.39 5.05
CA GLN A 385 18.00 11.82 5.16
C GLN A 385 18.47 12.61 3.95
N ASN A 386 19.71 12.37 3.53
CA ASN A 386 20.23 13.09 2.38
C ASN A 386 19.55 12.72 1.07
N LEU A 387 19.02 11.50 0.96
CA LEU A 387 18.33 11.11 -0.25
C LEU A 387 17.07 11.97 -0.38
N ILE A 388 16.33 12.09 0.73
CA ILE A 388 15.11 12.88 0.77
C ILE A 388 15.42 14.31 0.35
N LYS A 389 16.40 14.90 1.03
CA LYS A 389 16.82 16.27 0.76
C LYS A 389 17.17 16.48 -0.70
N GLN A 390 18.11 15.68 -1.18
CA GLN A 390 18.57 15.75 -2.56
C GLN A 390 17.42 15.55 -3.54
N ASN A 391 16.60 14.54 -3.32
CA ASN A 391 15.51 14.31 -4.25
C ASN A 391 14.41 15.33 -4.16
N CYS A 392 14.08 15.79 -2.96
CA CYS A 392 13.03 16.78 -2.84
C CYS A 392 13.42 18.12 -3.42
N GLU A 393 14.70 18.48 -3.32
CA GLU A 393 15.11 19.76 -3.88
C GLU A 393 14.96 19.71 -5.39
N LEU A 394 15.46 18.61 -5.97
CA LEU A 394 15.38 18.42 -7.40
C LEU A 394 13.92 18.53 -7.85
N PHE A 395 13.02 18.02 -7.03
CA PHE A 395 11.60 18.07 -7.35
C PHE A 395 11.01 19.47 -7.24
N GLU A 396 11.52 20.29 -6.33
CA GLU A 396 11.03 21.64 -6.17
C GLU A 396 11.36 22.46 -7.41
N GLN A 397 12.53 22.23 -7.99
CA GLN A 397 12.95 22.95 -9.19
C GLN A 397 12.10 22.46 -10.35
N LEU A 398 12.49 21.33 -10.94
CA LEU A 398 11.74 20.75 -12.04
C LEU A 398 10.37 20.49 -11.43
N GLY A 399 9.39 20.14 -12.24
CA GLY A 399 8.08 19.85 -11.67
C GLY A 399 7.90 18.35 -11.58
N GLU A 400 6.72 17.90 -11.16
CA GLU A 400 6.47 16.46 -11.07
C GLU A 400 6.88 15.78 -12.37
N TYR A 401 6.35 16.27 -13.49
CA TYR A 401 6.64 15.71 -14.80
C TYR A 401 8.12 15.70 -15.20
N LYS A 402 8.81 16.82 -15.06
CA LYS A 402 10.23 16.87 -15.42
C LYS A 402 11.06 16.10 -14.40
N PHE A 403 10.54 16.00 -13.19
CA PHE A 403 11.22 15.26 -12.13
C PHE A 403 11.10 13.79 -12.53
N GLN A 404 9.92 13.43 -13.04
CA GLN A 404 9.69 12.06 -13.48
C GLN A 404 10.64 11.72 -14.63
N ASN A 405 10.96 12.71 -15.45
CA ASN A 405 11.87 12.49 -16.58
C ASN A 405 13.28 12.24 -16.07
N ALA A 406 13.63 12.89 -14.96
CA ALA A 406 14.95 12.74 -14.36
C ALA A 406 15.09 11.33 -13.81
N LEU A 407 14.01 10.83 -13.20
CA LEU A 407 14.03 9.48 -12.64
C LEU A 407 14.15 8.48 -13.78
N LEU A 408 13.51 8.80 -14.89
CA LEU A 408 13.54 7.94 -16.06
C LEU A 408 14.97 7.74 -16.53
N VAL A 409 15.66 8.85 -16.80
CA VAL A 409 17.04 8.79 -17.25
C VAL A 409 17.90 8.01 -16.26
N ARG A 410 17.65 8.28 -14.98
CA ARG A 410 18.39 7.66 -13.89
C ARG A 410 18.26 6.15 -13.70
N TYR A 411 17.06 5.62 -13.79
CA TYR A 411 16.86 4.19 -13.60
C TYR A 411 17.01 3.37 -14.89
N THR A 412 16.85 4.02 -16.04
CA THR A 412 17.01 3.31 -17.29
C THR A 412 18.50 2.99 -17.42
N LYS A 413 19.34 3.93 -17.01
CA LYS A 413 20.79 3.74 -17.06
C LYS A 413 21.21 2.68 -16.05
N LYS A 414 20.48 2.58 -14.94
CA LYS A 414 20.84 1.61 -13.93
C LYS A 414 20.44 0.18 -14.25
N VAL A 415 19.26 0.02 -14.87
CA VAL A 415 18.77 -1.32 -15.21
C VAL A 415 18.14 -1.26 -16.59
N PRO A 416 18.98 -1.02 -17.62
CA PRO A 416 18.61 -0.91 -19.04
C PRO A 416 17.81 -2.10 -19.52
N GLN A 417 18.03 -3.24 -18.87
CA GLN A 417 17.39 -4.50 -19.20
C GLN A 417 15.87 -4.52 -19.01
N VAL A 418 15.39 -3.78 -18.02
CA VAL A 418 13.96 -3.71 -17.74
C VAL A 418 13.20 -3.17 -18.93
N SER A 419 11.96 -3.62 -19.09
CA SER A 419 11.13 -3.19 -20.21
C SER A 419 10.77 -1.72 -20.09
N THR A 420 10.66 -1.06 -21.24
CA THR A 420 10.33 0.34 -21.30
C THR A 420 9.03 0.70 -20.58
N PRO A 421 7.95 -0.04 -20.85
CA PRO A 421 6.69 0.29 -20.17
C PRO A 421 6.76 0.16 -18.66
N THR A 422 7.56 -0.78 -18.17
CA THR A 422 7.71 -0.98 -16.73
C THR A 422 8.49 0.20 -16.17
N LEU A 423 9.57 0.58 -16.84
CA LEU A 423 10.38 1.70 -16.40
C LEU A 423 9.56 2.98 -16.32
N VAL A 424 8.62 3.14 -17.26
CA VAL A 424 7.80 4.34 -17.30
C VAL A 424 6.85 4.40 -16.12
N GLU A 425 6.18 3.28 -15.84
CA GLU A 425 5.23 3.24 -14.73
C GLU A 425 5.89 3.47 -13.38
N VAL A 426 6.93 2.70 -13.10
CA VAL A 426 7.63 2.82 -11.83
C VAL A 426 8.17 4.23 -11.65
N SER A 427 8.73 4.81 -12.70
CA SER A 427 9.26 6.17 -12.61
C SER A 427 8.18 7.21 -12.34
N ARG A 428 7.02 7.07 -12.95
CA ARG A 428 5.94 8.00 -12.73
C ARG A 428 5.50 7.89 -11.29
N ASN A 429 5.31 6.65 -10.83
CA ASN A 429 4.88 6.43 -9.47
C ASN A 429 5.91 6.99 -8.46
N LEU A 430 7.20 6.78 -8.72
CA LEU A 430 8.22 7.30 -7.83
C LEU A 430 8.12 8.81 -7.81
N GLY A 431 7.80 9.36 -8.98
CA GLY A 431 7.64 10.79 -9.11
C GLY A 431 6.49 11.27 -8.25
N LYS A 432 5.47 10.43 -8.11
CA LYS A 432 4.31 10.79 -7.31
C LYS A 432 4.68 10.80 -5.84
N VAL A 433 5.49 9.83 -5.44
CA VAL A 433 5.92 9.76 -4.04
C VAL A 433 6.60 11.07 -3.71
N GLY A 434 7.30 11.62 -4.69
CA GLY A 434 7.98 12.89 -4.49
C GLY A 434 7.04 14.06 -4.36
N SER A 435 5.99 14.08 -5.18
CA SER A 435 5.05 15.18 -5.12
C SER A 435 4.16 15.12 -3.87
N LYS A 436 3.95 13.94 -3.31
CA LYS A 436 3.12 13.88 -2.13
C LYS A 436 3.91 13.96 -0.82
N CYS A 437 5.19 13.61 -0.85
CA CYS A 437 5.96 13.65 0.38
C CYS A 437 6.80 14.90 0.58
N CYS A 438 7.30 15.48 -0.51
CA CYS A 438 8.12 16.68 -0.38
C CYS A 438 7.31 17.89 0.11
N LYS A 439 5.98 17.79 0.07
CA LYS A 439 5.14 18.89 0.51
C LYS A 439 5.25 19.05 2.01
N HIS A 440 5.52 17.96 2.70
CA HIS A 440 5.64 17.98 4.16
C HIS A 440 6.97 18.53 4.64
N PRO A 441 7.04 18.87 5.95
CA PRO A 441 8.27 19.40 6.52
C PRO A 441 9.15 18.18 6.80
N GLU A 442 10.45 18.39 6.94
CA GLU A 442 11.36 17.28 7.20
C GLU A 442 10.79 16.30 8.22
N ALA A 443 10.27 16.83 9.31
CA ALA A 443 9.72 16.01 10.38
C ALA A 443 8.91 14.81 9.90
N LYS A 444 8.24 14.93 8.76
CA LYS A 444 7.41 13.81 8.31
C LYS A 444 7.71 13.26 6.93
N ARG A 445 8.81 13.69 6.32
CA ARG A 445 9.13 13.20 4.99
C ARG A 445 9.49 11.73 4.93
N MET A 446 10.38 11.29 5.81
CA MET A 446 10.82 9.90 5.81
C MET A 446 9.69 8.90 6.00
N PRO A 447 8.84 9.09 7.00
CA PRO A 447 7.74 8.14 7.20
C PRO A 447 6.86 8.07 5.94
N CYS A 448 6.61 9.24 5.37
CA CYS A 448 5.80 9.35 4.16
C CYS A 448 6.40 8.54 3.02
N ALA A 449 7.66 8.79 2.73
CA ALA A 449 8.31 8.09 1.64
C ALA A 449 8.33 6.60 1.90
N GLU A 450 8.66 6.21 3.13
CA GLU A 450 8.71 4.80 3.46
C GLU A 450 7.39 4.13 3.10
N ASP A 451 6.30 4.72 3.55
CA ASP A 451 5.02 4.12 3.29
C ASP A 451 4.66 3.95 1.82
N TYR A 452 4.93 4.96 1.00
CA TYR A 452 4.61 4.86 -0.42
C TYR A 452 5.60 4.00 -1.19
N LEU A 453 6.88 4.12 -0.83
CA LEU A 453 7.95 3.38 -1.48
C LEU A 453 7.82 1.89 -1.25
N SER A 454 7.34 1.50 -0.07
CA SER A 454 7.20 0.09 0.24
C SER A 454 6.30 -0.58 -0.80
N VAL A 455 5.16 0.02 -1.09
CA VAL A 455 4.26 -0.55 -2.08
C VAL A 455 4.84 -0.49 -3.49
N VAL A 456 5.32 0.68 -3.91
CA VAL A 456 5.88 0.82 -5.25
C VAL A 456 6.98 -0.24 -5.51
N LEU A 457 7.87 -0.38 -4.54
CA LEU A 457 8.98 -1.32 -4.61
C LEU A 457 8.49 -2.76 -4.66
N ASN A 458 7.51 -3.09 -3.83
CA ASN A 458 7.01 -4.46 -3.85
C ASN A 458 6.36 -4.77 -5.19
N GLN A 459 5.53 -3.85 -5.67
CA GLN A 459 4.89 -4.05 -6.95
C GLN A 459 5.99 -4.27 -7.98
N LEU A 460 7.07 -3.51 -7.87
CA LEU A 460 8.18 -3.65 -8.80
C LEU A 460 8.70 -5.08 -8.76
N CYS A 461 8.95 -5.57 -7.56
CA CYS A 461 9.45 -6.92 -7.35
C CYS A 461 8.53 -8.01 -7.87
N VAL A 462 7.22 -7.80 -7.75
CA VAL A 462 6.25 -8.78 -8.22
C VAL A 462 6.38 -8.90 -9.73
N LEU A 463 6.20 -7.80 -10.44
CA LEU A 463 6.31 -7.83 -11.89
C LEU A 463 7.60 -8.57 -12.24
N HIS A 464 8.72 -7.98 -11.86
CA HIS A 464 10.00 -8.57 -12.16
C HIS A 464 10.10 -10.05 -11.78
N GLU A 465 9.50 -10.41 -10.65
CA GLU A 465 9.54 -11.80 -10.23
C GLU A 465 8.98 -12.64 -11.38
N LYS A 466 7.85 -12.20 -11.94
CA LYS A 466 7.25 -12.91 -13.06
C LYS A 466 8.18 -12.85 -14.28
N THR A 467 8.63 -11.65 -14.65
CA THR A 467 9.50 -11.47 -15.81
C THR A 467 10.93 -11.07 -15.45
N PRO A 468 11.70 -11.99 -14.85
CA PRO A 468 13.09 -11.71 -14.46
C PRO A 468 13.90 -11.13 -15.60
N VAL A 469 14.76 -10.17 -15.29
CA VAL A 469 15.56 -9.54 -16.30
C VAL A 469 16.95 -9.21 -15.79
N SER A 470 17.05 -8.97 -14.48
CA SER A 470 18.33 -8.64 -13.88
C SER A 470 18.57 -9.33 -12.54
N ASP A 471 19.77 -9.85 -12.36
CA ASP A 471 20.13 -10.51 -11.11
C ASP A 471 20.14 -9.47 -10.00
N ARG A 472 20.61 -8.29 -10.31
CA ARG A 472 20.66 -7.20 -9.33
C ARG A 472 19.28 -6.86 -8.75
N VAL A 473 18.27 -6.78 -9.60
CA VAL A 473 16.93 -6.44 -9.16
C VAL A 473 16.40 -7.56 -8.27
N THR A 474 16.62 -8.80 -8.70
CA THR A 474 16.17 -9.96 -7.93
C THR A 474 16.95 -10.01 -6.61
N LYS A 475 18.19 -9.53 -6.62
CA LYS A 475 19.01 -9.51 -5.41
C LYS A 475 18.33 -8.61 -4.39
N CYS A 476 18.02 -7.40 -4.81
CA CYS A 476 17.37 -6.45 -3.94
C CYS A 476 15.99 -6.92 -3.55
N CYS A 477 15.26 -7.43 -4.53
CA CYS A 477 13.92 -7.90 -4.28
C CYS A 477 13.81 -9.08 -3.31
N THR A 478 14.90 -9.84 -3.12
CA THR A 478 14.87 -10.99 -2.22
C THR A 478 15.75 -10.72 -1.01
N GLU A 479 16.21 -9.49 -0.91
CA GLU A 479 17.04 -9.07 0.20
C GLU A 479 16.10 -8.86 1.38
N SER A 480 16.66 -8.56 2.56
CA SER A 480 15.84 -8.31 3.74
C SER A 480 14.95 -7.10 3.43
N LEU A 481 13.77 -7.06 4.03
CA LEU A 481 12.87 -5.93 3.79
C LEU A 481 13.36 -4.73 4.58
N VAL A 482 14.63 -4.79 4.97
CA VAL A 482 15.28 -3.72 5.72
C VAL A 482 16.47 -3.26 4.90
N ASN A 483 16.92 -4.13 4.00
CA ASN A 483 18.02 -3.82 3.11
C ASN A 483 17.47 -3.55 1.73
N ARG A 484 16.17 -3.77 1.55
CA ARG A 484 15.53 -3.59 0.26
C ARG A 484 15.75 -2.24 -0.41
N ARG A 485 15.21 -1.18 0.18
CA ARG A 485 15.37 0.13 -0.42
C ARG A 485 16.82 0.49 -0.58
N PRO A 486 17.64 0.27 0.46
CA PRO A 486 19.08 0.59 0.38
C PRO A 486 19.74 -0.15 -0.78
N CYS A 487 19.35 -1.40 -0.98
CA CYS A 487 19.90 -2.21 -2.06
C CYS A 487 19.59 -1.64 -3.45
N PHE A 488 18.43 -0.98 -3.57
CA PHE A 488 18.02 -0.37 -4.83
C PHE A 488 18.73 0.97 -4.98
N SER A 489 18.96 1.65 -3.86
CA SER A 489 19.66 2.93 -3.90
C SER A 489 21.12 2.73 -4.29
N ALA A 490 21.69 1.59 -3.91
CA ALA A 490 23.09 1.27 -4.22
C ALA A 490 23.31 0.80 -5.65
N LEU A 491 22.23 0.67 -6.42
CA LEU A 491 22.37 0.25 -7.80
C LEU A 491 23.16 1.30 -8.56
N GLU A 492 24.07 0.86 -9.42
CA GLU A 492 24.89 1.76 -10.21
C GLU A 492 24.66 1.61 -11.71
N VAL A 493 25.16 2.56 -12.48
CA VAL A 493 25.03 2.52 -13.92
C VAL A 493 25.56 1.18 -14.41
N ASP A 494 24.89 0.60 -15.41
CA ASP A 494 25.29 -0.67 -15.97
C ASP A 494 26.34 -0.46 -17.05
N GLU A 495 27.57 -0.89 -16.76
CA GLU A 495 28.69 -0.76 -17.69
C GLU A 495 28.56 -1.70 -18.88
N THR A 496 28.17 -2.93 -18.57
CA THR A 496 28.00 -3.99 -19.56
C THR A 496 27.00 -3.70 -20.66
N TYR A 497 25.77 -3.38 -20.28
CA TYR A 497 24.70 -3.10 -21.25
C TYR A 497 25.20 -2.57 -22.57
N VAL A 498 24.84 -3.26 -23.65
CA VAL A 498 25.22 -2.82 -24.98
C VAL A 498 24.01 -2.12 -25.63
N PRO A 499 24.22 -0.89 -26.12
CA PRO A 499 23.19 -0.07 -26.77
C PRO A 499 22.22 -0.85 -27.65
N LYS A 500 20.97 -0.42 -27.63
CA LYS A 500 19.95 -1.06 -28.42
C LYS A 500 20.13 -0.60 -29.86
N GLU A 501 19.96 -1.51 -30.80
CA GLU A 501 20.11 -1.19 -32.22
C GLU A 501 19.14 -0.06 -32.56
N PHE A 502 19.61 0.94 -33.31
CA PHE A 502 18.72 2.04 -33.67
C PHE A 502 17.50 1.58 -34.44
N ASN A 503 16.34 2.12 -34.07
CA ASN A 503 15.09 1.78 -34.75
C ASN A 503 14.39 3.07 -35.15
N ALA A 504 14.38 3.35 -36.45
CA ALA A 504 13.75 4.55 -36.98
C ALA A 504 12.30 4.73 -36.50
N GLU A 505 11.50 3.68 -36.63
CA GLU A 505 10.08 3.71 -36.23
C GLU A 505 9.88 4.24 -34.81
N THR A 506 10.71 3.77 -33.90
CA THR A 506 10.66 4.16 -32.50
C THR A 506 10.75 5.67 -32.29
N PHE A 507 11.37 6.37 -33.22
CA PHE A 507 11.53 7.82 -33.04
C PHE A 507 10.85 8.72 -34.06
N THR A 508 9.69 8.29 -34.56
CA THR A 508 8.93 9.08 -35.51
C THR A 508 7.56 9.38 -34.90
N PHE A 509 7.11 10.63 -35.00
CA PHE A 509 5.83 11.03 -34.40
C PHE A 509 4.87 11.74 -35.34
N HIS A 510 3.59 11.46 -35.17
CA HIS A 510 2.57 12.08 -36.00
C HIS A 510 1.82 13.14 -35.21
N ALA A 511 1.09 14.00 -35.93
CA ALA A 511 0.34 15.09 -35.31
C ALA A 511 -0.68 14.62 -34.27
N ASP A 512 -1.01 13.33 -34.27
CA ASP A 512 -1.98 12.80 -33.31
C ASP A 512 -1.59 13.13 -31.87
N ILE A 513 -0.28 13.19 -31.63
CA ILE A 513 0.25 13.49 -30.30
C ILE A 513 -0.26 14.85 -29.80
N CYS A 514 -0.74 15.67 -30.74
CA CYS A 514 -1.25 16.99 -30.40
C CYS A 514 -2.66 16.90 -29.82
N THR A 515 -3.47 16.01 -30.38
CA THR A 515 -4.84 15.84 -29.92
C THR A 515 -4.86 14.95 -28.69
N LEU A 516 -3.74 14.32 -28.40
CA LEU A 516 -3.64 13.45 -27.25
C LEU A 516 -3.86 14.26 -25.97
N SER A 517 -4.24 13.56 -24.91
CA SER A 517 -4.47 14.18 -23.60
C SER A 517 -3.13 14.21 -22.88
N GLU A 518 -2.88 15.24 -22.07
CA GLU A 518 -1.62 15.36 -21.34
C GLU A 518 -1.04 14.02 -20.90
N LYS A 519 -1.76 13.32 -20.03
CA LYS A 519 -1.29 12.03 -19.55
C LYS A 519 -0.84 11.18 -20.73
N GLU A 520 -1.62 11.21 -21.80
CA GLU A 520 -1.31 10.44 -23.00
C GLU A 520 -0.04 10.94 -23.66
N GLU A 521 0.09 12.25 -23.79
CA GLU A 521 1.26 12.86 -24.42
C GLU A 521 2.52 12.50 -23.64
N GLN A 522 2.50 12.80 -22.35
CA GLN A 522 3.62 12.52 -21.46
C GLN A 522 4.09 11.08 -21.61
N ILE A 523 3.18 10.14 -21.39
CA ILE A 523 3.52 8.74 -21.51
C ILE A 523 4.16 8.43 -22.86
N LYS A 524 3.69 9.09 -23.91
CA LYS A 524 4.26 8.85 -25.24
C LYS A 524 5.67 9.42 -25.30
N LYS A 525 5.84 10.64 -24.78
CA LYS A 525 7.15 11.27 -24.79
C LYS A 525 8.14 10.50 -23.92
N GLN A 526 7.68 10.07 -22.75
CA GLN A 526 8.51 9.35 -21.79
C GLN A 526 8.94 7.99 -22.30
N THR A 527 8.11 7.38 -23.13
CA THR A 527 8.44 6.08 -23.69
C THR A 527 9.57 6.27 -24.69
N ALA A 528 9.55 7.40 -25.39
CA ALA A 528 10.59 7.67 -26.36
C ALA A 528 11.89 7.95 -25.62
N LEU A 529 11.76 8.60 -24.46
CA LEU A 529 12.90 8.94 -23.63
C LEU A 529 13.64 7.70 -23.17
N VAL A 530 12.93 6.76 -22.56
CA VAL A 530 13.56 5.51 -22.10
C VAL A 530 14.29 4.86 -23.26
N GLU A 531 13.61 4.79 -24.39
CA GLU A 531 14.15 4.19 -25.61
C GLU A 531 15.40 4.89 -26.09
N LEU A 532 15.41 6.20 -25.98
CA LEU A 532 16.57 6.98 -26.39
C LEU A 532 17.74 6.59 -25.50
N VAL A 533 17.48 6.54 -24.20
CA VAL A 533 18.52 6.20 -23.27
C VAL A 533 18.99 4.76 -23.50
N LYS A 534 18.09 3.86 -23.88
CA LYS A 534 18.51 2.48 -24.12
C LYS A 534 19.39 2.36 -25.36
N HIS A 535 19.28 3.33 -26.25
CA HIS A 535 20.03 3.33 -27.48
C HIS A 535 21.38 4.04 -27.32
N LYS A 536 21.41 5.08 -26.47
CA LYS A 536 22.64 5.84 -26.23
C LYS A 536 22.86 6.00 -24.73
N PRO A 537 23.09 4.88 -24.02
CA PRO A 537 23.32 4.86 -22.57
C PRO A 537 24.47 5.70 -22.03
N LYS A 538 25.35 6.17 -22.91
CA LYS A 538 26.49 6.98 -22.48
C LYS A 538 26.25 8.47 -22.63
N ALA A 539 25.07 8.82 -23.14
CA ALA A 539 24.74 10.22 -23.31
C ALA A 539 24.76 10.87 -21.93
N THR A 540 25.19 12.12 -21.85
CA THR A 540 25.24 12.83 -20.59
C THR A 540 23.98 13.66 -20.37
N LYS A 541 23.82 14.18 -19.17
CA LYS A 541 22.67 15.01 -18.84
C LYS A 541 22.55 16.16 -19.83
N GLU A 542 23.67 16.82 -20.09
CA GLU A 542 23.68 17.94 -21.03
C GLU A 542 23.24 17.54 -22.43
N GLN A 543 23.87 16.50 -22.97
CA GLN A 543 23.53 16.04 -24.30
C GLN A 543 22.05 15.72 -24.39
N LEU A 544 21.59 14.94 -23.42
CA LEU A 544 20.19 14.55 -23.34
C LEU A 544 19.33 15.80 -23.20
N LYS A 545 19.65 16.63 -22.22
CA LYS A 545 18.93 17.87 -21.97
C LYS A 545 18.73 18.60 -23.30
N ALA A 546 19.82 18.82 -24.02
CA ALA A 546 19.77 19.51 -25.30
C ALA A 546 18.78 18.88 -26.28
N VAL A 547 18.88 17.56 -26.44
CA VAL A 547 17.99 16.84 -27.33
C VAL A 547 16.54 17.06 -26.92
N MET A 548 16.23 16.88 -25.65
CA MET A 548 14.87 17.05 -25.18
C MET A 548 14.34 18.44 -25.50
N ASP A 549 15.19 19.45 -25.35
CA ASP A 549 14.79 20.82 -25.65
C ASP A 549 14.33 20.90 -27.10
N ASP A 550 15.18 20.46 -28.01
CA ASP A 550 14.83 20.50 -29.41
C ASP A 550 13.50 19.82 -29.62
N PHE A 551 13.32 18.69 -28.94
CA PHE A 551 12.07 17.96 -29.07
C PHE A 551 10.93 18.85 -28.60
N ALA A 552 11.08 19.45 -27.43
CA ALA A 552 10.06 20.34 -26.89
C ALA A 552 9.56 21.24 -28.01
N ALA A 553 10.45 22.08 -28.54
CA ALA A 553 10.10 22.97 -29.63
C ALA A 553 9.37 22.15 -30.69
N PHE A 554 10.11 21.26 -31.35
CA PHE A 554 9.57 20.39 -32.39
C PHE A 554 8.07 20.22 -32.29
N VAL A 555 7.60 19.76 -31.14
CA VAL A 555 6.17 19.56 -30.94
C VAL A 555 5.43 20.90 -31.05
N GLU A 556 5.61 21.76 -30.05
CA GLU A 556 4.97 23.07 -30.03
C GLU A 556 4.98 23.69 -31.42
N LYS A 557 6.08 23.49 -32.14
CA LYS A 557 6.22 24.03 -33.48
C LYS A 557 5.26 23.36 -34.46
N CYS A 558 5.37 22.05 -34.61
CA CYS A 558 4.49 21.32 -35.52
C CYS A 558 3.03 21.49 -35.11
N CYS A 559 2.69 21.09 -33.89
CA CYS A 559 1.31 21.28 -33.44
C CYS A 559 1.20 22.81 -33.47
N LYS A 560 -0.01 23.33 -33.61
CA LYS A 560 -0.17 24.79 -33.66
C LYS A 560 0.61 25.34 -34.86
N ALA A 561 0.17 24.96 -36.06
CA ALA A 561 0.79 25.41 -37.32
C ALA A 561 0.11 24.75 -38.52
N ASP A 562 -0.42 25.57 -39.42
CA ASP A 562 -1.11 25.09 -40.62
C ASP A 562 -0.51 23.81 -41.20
N ASP A 563 -1.35 22.79 -41.34
CA ASP A 563 -0.91 21.49 -41.85
C ASP A 563 0.15 20.90 -40.95
N LYS A 564 -0.29 20.16 -39.94
CA LYS A 564 0.60 19.55 -38.97
C LYS A 564 1.29 18.27 -39.41
N GLU A 565 0.53 17.36 -40.03
CA GLU A 565 1.09 16.09 -40.48
C GLU A 565 2.43 16.23 -41.19
N THR A 566 2.50 17.15 -42.14
CA THR A 566 3.71 17.38 -42.89
C THR A 566 4.87 17.77 -41.96
N CYS A 567 4.65 18.81 -41.18
CA CYS A 567 5.66 19.31 -40.24
C CYS A 567 6.30 18.20 -39.40
N PHE A 568 5.51 17.19 -39.02
CA PHE A 568 6.04 16.09 -38.22
C PHE A 568 6.88 15.09 -39.03
N ALA A 569 6.75 15.14 -40.34
CA ALA A 569 7.52 14.20 -41.17
C ALA A 569 8.75 14.87 -41.73
N GLU A 570 8.66 16.18 -41.95
CA GLU A 570 9.78 16.96 -42.49
C GLU A 570 10.74 17.33 -41.38
N GLU A 571 10.25 18.08 -40.40
CA GLU A 571 11.06 18.48 -39.28
C GLU A 571 11.53 17.23 -38.53
N GLY A 572 10.65 16.25 -38.42
CA GLY A 572 11.01 15.02 -37.73
C GLY A 572 12.26 14.41 -38.31
N LYS A 573 12.35 14.39 -39.63
CA LYS A 573 13.52 13.82 -40.28
C LYS A 573 14.77 14.57 -39.81
N LYS A 574 14.70 15.91 -39.84
CA LYS A 574 15.81 16.75 -39.43
C LYS A 574 16.23 16.46 -37.99
N LEU A 575 15.28 16.55 -37.07
CA LEU A 575 15.57 16.31 -35.65
C LEU A 575 16.34 15.00 -35.44
N VAL A 576 15.71 13.89 -35.83
CA VAL A 576 16.32 12.58 -35.68
C VAL A 576 17.74 12.51 -36.19
N ALA A 577 17.99 13.13 -37.35
CA ALA A 577 19.32 13.10 -37.95
C ALA A 577 20.32 13.89 -37.14
N ALA A 578 19.99 15.13 -36.83
CA ALA A 578 20.85 15.99 -36.05
C ALA A 578 21.20 15.34 -34.70
N SER A 579 20.17 14.90 -33.99
CA SER A 579 20.36 14.29 -32.69
C SER A 579 21.34 13.14 -32.72
N GLN A 580 21.25 12.27 -33.72
CA GLN A 580 22.17 11.15 -33.80
C GLN A 580 23.62 11.60 -33.85
N ALA A 581 23.89 12.63 -34.64
CA ALA A 581 25.24 13.15 -34.77
C ALA A 581 25.67 13.76 -33.45
N ALA A 582 24.76 14.50 -32.83
CA ALA A 582 25.04 15.14 -31.56
C ALA A 582 25.51 14.10 -30.54
N LEU A 583 24.87 12.93 -30.56
CA LEU A 583 25.19 11.87 -29.62
C LEU A 583 26.13 10.83 -30.23
N GLY A 584 26.65 11.14 -31.41
CA GLY A 584 27.56 10.23 -32.07
C GLY A 584 27.23 8.77 -31.86
C1 MYR B . -13.57 -2.95 13.75
O1 MYR B . -13.53 -1.97 14.55
O2 MYR B . -12.81 -3.04 12.75
C2 MYR B . -14.55 -4.08 14.02
C3 MYR B . -15.84 -3.86 13.23
C4 MYR B . -16.30 -5.26 12.86
C5 MYR B . -17.81 -5.44 13.03
C6 MYR B . -18.24 -6.91 12.85
C7 MYR B . -18.48 -7.25 11.38
C8 MYR B . -18.89 -8.70 11.21
C9 MYR B . -19.24 -9.03 9.76
C1 MYR C . 14.19 4.03 4.27
O1 MYR C . 14.51 4.33 5.44
O2 MYR C . 14.76 3.14 3.63
C2 MYR C . 13.06 4.81 3.59
C3 MYR C . 13.50 6.24 3.29
C4 MYR C . 13.89 6.21 1.82
C5 MYR C . 14.27 7.58 1.32
C6 MYR C . 14.10 7.67 -0.17
C7 MYR C . 14.09 9.12 -0.66
C8 MYR C . 12.68 9.69 -0.80
C9 MYR C . 12.11 9.44 -2.19
C10 MYR C . 11.35 10.63 -2.72
C11 MYR C . 11.31 10.59 -4.24
C1 MYR D . 17.32 6.01 -4.96
O1 MYR D . 18.21 5.93 -4.08
O2 MYR D . 17.58 5.99 -6.18
C2 MYR D . 15.87 6.17 -4.52
C3 MYR D . 15.42 4.91 -3.76
C4 MYR D . 14.17 4.45 -4.48
C5 MYR D . 14.31 3.02 -4.94
C6 MYR D . 13.68 2.83 -6.30
C7 MYR D . 14.63 2.12 -7.23
C8 MYR D . 14.01 1.91 -8.60
C9 MYR D . 14.78 0.89 -9.43
C10 MYR D . 14.50 1.06 -10.92
C11 MYR D . 14.09 -0.26 -11.56
C1 MYR E . 9.37 16.91 -22.81
O1 MYR E . 8.54 17.19 -21.92
O2 MYR E . 9.42 17.55 -23.89
C2 MYR E . 10.35 15.76 -22.55
C3 MYR E . 11.25 15.49 -23.76
C4 MYR E . 10.84 14.11 -24.24
C5 MYR E . 12.05 13.31 -24.68
C6 MYR E . 11.83 12.62 -26.02
C7 MYR E . 13.14 12.44 -26.77
C8 MYR E . 12.92 11.81 -28.13
C9 MYR E . 13.89 12.35 -29.18
C10 MYR E . 14.58 11.22 -29.93
C11 MYR E . 15.50 11.74 -31.03
C12 MYR E . 16.33 10.61 -31.64
C1 MYR F . 16.28 -9.07 10.45
O1 MYR F . 17.13 -9.70 11.12
O2 MYR F . 16.47 -8.68 9.27
C2 MYR F . 14.92 -8.78 11.12
C3 MYR F . 14.84 -7.31 11.54
C4 MYR F . 14.72 -7.35 13.06
C5 MYR F . 15.50 -6.23 13.74
C6 MYR F . 16.03 -6.67 15.10
C7 MYR F . 15.15 -6.16 16.25
C8 MYR F . 14.46 -7.32 16.95
C9 MYR F . 13.84 -6.90 18.27
C10 MYR F . 12.76 -7.88 18.72
C11 MYR F . 11.56 -7.13 19.33
C12 MYR F . 10.51 -8.07 19.92
C13 MYR F . 10.21 -7.69 21.38
C14 MYR F . 8.72 -7.77 21.67
C1 AZQ G . -1.21 -0.50 12.48
C2 AZQ G . -1.02 0.60 13.26
C3 AZQ G . -2.02 0.80 14.24
N1 AZQ G . -2.97 -0.32 14.05
C4 AZQ G . -4.16 -0.81 14.63
N2 AZQ G . -4.92 -1.71 13.91
C5 AZQ G . -4.64 -2.04 12.53
C6 AZQ G . -5.66 -2.54 11.71
C7 AZQ G . -5.51 -2.57 10.28
C8 AZQ G . -4.38 -2.10 9.65
C9 AZQ G . -3.33 -1.59 10.52
C10 AZQ G . -3.44 -1.56 11.97
N3 AZQ G . -2.43 -1.07 12.95
O1 AZQ G . -0.57 -1.01 11.53
C11 AZQ G . 0.16 1.51 13.09
C12 AZQ G . -0.21 2.39 11.71
C13 AZQ G . 0.81 2.29 10.97
O2 AZQ G . -2.21 1.65 15.14
N4 AZQ G . -4.52 -0.51 15.91
C14 AZQ G . -3.58 -0.35 17.05
C15 AZQ G . -5.94 -0.36 16.25
C16 AZQ G . -4.20 -2.10 8.14
C1 AZQ H . -10.52 -0.59 -8.68
C2 AZQ H . -10.37 0.32 -9.74
C3 AZQ H . -10.97 1.53 -9.47
N1 AZQ H . -11.57 1.39 -8.12
C4 AZQ H . -12.30 2.26 -7.29
N2 AZQ H . -12.19 2.06 -5.98
C5 AZQ H . -11.38 1.03 -5.39
C6 AZQ H . -11.08 1.05 -4.01
C7 AZQ H . -10.28 0.01 -3.47
C8 AZQ H . -9.78 -1.02 -4.24
C9 AZQ H . -10.09 -1.05 -5.63
C10 AZQ H . -10.89 -0.02 -6.22
N3 AZQ H . -11.28 0.04 -7.63
O1 AZQ H . -10.13 -1.77 -8.54
C11 AZQ H . -9.64 0.01 -11.02
C12 AZQ H . -8.07 -0.42 -10.62
C13 AZQ H . -7.65 -1.03 -11.64
O2 AZQ H . -11.09 2.59 -10.10
N4 AZQ H . -13.07 3.25 -7.79
C14 AZQ H . -14.05 3.08 -8.89
C15 AZQ H . -12.98 4.62 -7.20
C16 AZQ H . -8.93 -2.13 -3.66
#